data_8VQ4
#
_entry.id   8VQ4
#
_cell.length_a   101.374
_cell.length_b   101.374
_cell.length_c   151.607
_cell.angle_alpha   90.000
_cell.angle_beta   90.000
_cell.angle_gamma   90.000
#
_symmetry.space_group_name_H-M   'P 41 21 2'
#
loop_
_entity.id
_entity.type
_entity.pdbx_description
1 polymer 'Cyclin-dependent kinase 2'
2 polymer 'G1/S-specific cyclin-E1'
3 non-polymer (8R)-6-(1-benzyl-1H-pyrazole-4-carbonyl)-N-[(2S,3R)-3-(2-cyclohexylethoxy)-1-(methylamino)-1-oxobutan-2-yl]-2-[(1S)-2,2-dimethylcyclopropane-1-carbonyl]-2,6-diazaspiro[3.4]octane-8-carboxamide
4 water water
#
loop_
_entity_poly.entity_id
_entity_poly.type
_entity_poly.pdbx_seq_one_letter_code
_entity_poly.pdbx_strand_id
1 'polypeptide(L)'
;MENFQKVEKIGEGTYGVVYKARNKLTGEVVALKKIRLDTETEGVPSTAIREISLLKELNHPNIVKLLDVIHTENKLYLVF
EFLHQDLKKFMDASALTGIPLPLIKSYLFQLLQGLAFCHSHRVLHRDLKPQNLLINTEGAIKLADFGLARAFGVPVRTY
(TPO)HEVVTLWYRAPEILLGCKYYSTAVDIWSLGCIFAEMVTRRALFPGDSEIDQLFRIFRTLGTPDEVVWPGVTSMPD
YKPSFPKWARQDFSKVVPPLDEDGRSLLSQMLHYDPNKRISAKAALAHPFFQDVTKPVPHLRL
;
A
2 'polypeptide(L)'
;GSIIAPSRGSPLPVLSWANREEVWKIMLNKEKTYLRDQHFLEQHPLLQPKMRAILLDWLMEVCEVYKLHRETFYLAQDFF
DRYMATQENVVKTLLQLIGISSLFIAAKLEEIYPPKLHQFAYVTDGACSGDEILTMELMIMKALKWRLSPLTIVSWLNVY
MQVAYLNDLHEVLLPQYPQQIFIQIAELLDLCVLDVDCLEFPYGILAASALYHFSSSELMQKVSGYQWCDIENCVKWMVP
FAMVIRETGSSKLKHFRGVADEDAHNIQTHRDSLDLLDKARAKKA
;
B
#
# COMPACT_ATOMS: atom_id res chain seq x y z
N MET A 1 8.30 8.53 -27.36
CA MET A 1 6.90 8.72 -27.84
C MET A 1 6.76 8.81 -29.37
N GLU A 2 7.87 8.63 -30.08
CA GLU A 2 7.87 8.72 -31.54
C GLU A 2 6.98 7.66 -32.18
N ASN A 3 7.02 6.42 -31.67
CA ASN A 3 6.29 5.31 -32.25
C ASN A 3 4.82 5.23 -31.88
N PHE A 4 4.30 6.18 -31.09
CA PHE A 4 2.88 6.19 -30.74
C PHE A 4 2.13 7.24 -31.54
N GLN A 5 0.93 6.89 -31.98
CA GLN A 5 0.06 7.77 -32.74
C GLN A 5 -1.21 7.93 -31.92
N LYS A 6 -1.50 9.17 -31.49
CA LYS A 6 -2.70 9.36 -30.68
C LYS A 6 -3.91 9.11 -31.56
N VAL A 7 -4.86 8.32 -31.06
CA VAL A 7 -6.06 7.96 -31.82
C VAL A 7 -7.29 8.70 -31.33
N GLU A 8 -7.48 8.79 -30.02
CA GLU A 8 -8.62 9.57 -29.52
C GLU A 8 -8.47 9.80 -28.02
N LYS A 9 -9.08 10.87 -27.53
CA LYS A 9 -9.06 11.17 -26.11
C LYS A 9 -10.13 10.29 -25.47
N ILE A 10 -9.75 9.53 -24.45
CA ILE A 10 -10.69 8.63 -23.80
C ILE A 10 -10.88 8.95 -22.32
N GLY A 11 -10.25 10.02 -21.82
CA GLY A 11 -10.40 10.34 -20.40
C GLY A 11 -9.58 11.55 -20.03
N GLU A 12 -9.83 12.02 -18.80
CA GLU A 12 -9.13 13.20 -18.28
C GLU A 12 -9.28 13.25 -16.78
N GLY A 13 -8.16 13.35 -16.06
CA GLY A 13 -8.18 13.45 -14.62
C GLY A 13 -7.45 14.71 -14.14
N THR A 14 -7.35 14.84 -12.81
CA THR A 14 -6.65 15.98 -12.24
C THR A 14 -5.23 16.07 -12.75
N TYR A 15 -4.54 14.92 -12.84
CA TYR A 15 -3.14 14.86 -13.24
C TYR A 15 -2.86 14.67 -14.73
N GLY A 16 -3.88 14.48 -15.58
CA GLY A 16 -3.57 14.36 -16.99
C GLY A 16 -4.73 13.89 -17.85
N VAL A 17 -4.48 13.95 -19.15
CA VAL A 17 -5.43 13.51 -20.16
C VAL A 17 -5.05 12.07 -20.52
N VAL A 18 -6.05 11.27 -20.86
CA VAL A 18 -5.82 9.87 -21.23
C VAL A 18 -6.19 9.72 -22.70
N TYR A 19 -5.31 9.08 -23.47
CA TYR A 19 -5.55 8.87 -24.89
C TYR A 19 -5.42 7.42 -25.28
N LYS A 20 -6.21 7.02 -26.27
CA LYS A 20 -6.09 5.71 -26.89
C LYS A 20 -5.03 5.98 -27.95
N ALA A 21 -3.94 5.19 -27.95
CA ALA A 21 -2.87 5.42 -28.90
C ALA A 21 -2.44 4.09 -29.52
N ARG A 22 -1.94 4.16 -30.74
CA ARG A 22 -1.55 2.96 -31.47
C ARG A 22 -0.08 2.98 -31.84
N ASN A 23 0.63 1.90 -31.47
CA ASN A 23 2.03 1.74 -31.82
C ASN A 23 2.09 1.67 -33.35
N LYS A 24 2.72 2.66 -33.99
CA LYS A 24 2.74 2.71 -35.45
C LYS A 24 3.46 1.51 -36.05
N LEU A 25 4.40 0.92 -35.31
CA LEU A 25 5.18 -0.19 -35.84
C LEU A 25 4.53 -1.55 -35.62
N THR A 26 4.32 -1.90 -34.36
CA THR A 26 3.76 -3.19 -33.97
C THR A 26 2.24 -3.27 -34.10
N GLY A 27 1.54 -2.14 -34.15
CA GLY A 27 0.10 -2.15 -34.23
C GLY A 27 -0.55 -2.26 -32.87
N GLU A 28 0.25 -2.33 -31.81
CA GLU A 28 -0.29 -2.41 -30.45
C GLU A 28 -1.12 -1.17 -30.13
N VAL A 29 -2.13 -1.34 -29.31
CA VAL A 29 -2.99 -0.25 -28.87
C VAL A 29 -2.80 -0.14 -27.37
N VAL A 30 -2.54 1.07 -26.89
CA VAL A 30 -2.29 1.34 -25.48
C VAL A 30 -3.14 2.51 -25.01
N ALA A 31 -3.21 2.70 -23.68
CA ALA A 31 -3.87 3.82 -23.04
C ALA A 31 -2.74 4.69 -22.53
N LEU A 32 -2.63 5.91 -23.05
CA LEU A 32 -1.56 6.81 -22.64
C LEU A 32 -2.07 7.85 -21.67
N LYS A 33 -1.48 7.93 -20.50
CA LYS A 33 -1.83 8.94 -19.52
C LYS A 33 -0.66 9.95 -19.57
N LYS A 34 -0.97 11.16 -19.98
CA LYS A 34 0.04 12.21 -20.14
C LYS A 34 0.03 13.16 -18.94
N ILE A 35 1.14 13.22 -18.21
CA ILE A 35 1.27 14.13 -17.07
C ILE A 35 2.14 15.28 -17.53
N ARG A 36 1.61 16.51 -17.48
CA ARG A 36 2.28 17.76 -17.88
C ARG A 36 3.13 18.22 -16.71
N LEU A 37 4.42 17.89 -16.73
CA LEU A 37 5.23 18.21 -15.55
C LEU A 37 5.35 19.72 -15.33
N ASP A 38 5.30 20.51 -16.40
CA ASP A 38 5.40 21.97 -16.26
C ASP A 38 4.39 22.53 -15.28
N THR A 39 3.20 21.93 -15.23
CA THR A 39 2.14 22.45 -14.38
C THR A 39 2.09 21.86 -12.99
N GLU A 40 2.99 20.95 -12.65
CA GLU A 40 2.94 20.30 -11.33
C GLU A 40 3.93 20.95 -10.36
N THR A 41 3.41 21.80 -9.47
CA THR A 41 4.29 22.45 -8.52
C THR A 41 5.00 21.48 -7.58
N GLU A 42 4.46 20.28 -7.36
CA GLU A 42 5.10 19.33 -6.45
C GLU A 42 5.80 18.18 -7.17
N GLY A 43 6.17 18.37 -8.42
CA GLY A 43 6.84 17.33 -9.16
C GLY A 43 5.88 16.24 -9.60
N VAL A 44 6.40 15.01 -9.71
CA VAL A 44 5.57 13.88 -10.13
C VAL A 44 4.50 13.74 -9.06
N PRO A 45 3.22 13.83 -9.44
CA PRO A 45 2.14 13.76 -8.44
C PRO A 45 2.25 12.52 -7.56
N SER A 46 2.05 12.74 -6.26
CA SER A 46 2.14 11.62 -5.32
C SER A 46 1.24 10.45 -5.72
N THR A 47 0.05 10.73 -6.24
CA THR A 47 -0.80 9.61 -6.64
C THR A 47 -0.19 8.86 -7.81
N ALA A 48 0.53 9.55 -8.71
CA ALA A 48 1.13 8.86 -9.84
C ALA A 48 2.31 8.00 -9.38
N ILE A 49 3.13 8.52 -8.46
CA ILE A 49 4.27 7.74 -7.96
C ILE A 49 3.76 6.48 -7.29
N ARG A 50 2.77 6.66 -6.41
CA ARG A 50 2.19 5.52 -5.71
C ARG A 50 1.58 4.51 -6.67
N GLU A 51 0.83 4.96 -7.67
CA GLU A 51 0.20 4.01 -8.59
C GLU A 51 1.23 3.28 -9.44
N ILE A 52 2.27 3.98 -9.90
CA ILE A 52 3.30 3.32 -10.71
C ILE A 52 3.99 2.21 -9.92
N SER A 53 4.44 2.53 -8.71
CA SER A 53 5.17 1.54 -7.94
C SER A 53 4.27 0.35 -7.62
N LEU A 54 3.02 0.62 -7.26
CA LEU A 54 2.08 -0.45 -6.94
C LEU A 54 1.86 -1.38 -8.15
N LEU A 55 1.55 -0.81 -9.31
CA LEU A 55 1.30 -1.64 -10.49
C LEU A 55 2.52 -2.45 -10.88
N LYS A 56 3.73 -1.95 -10.60
CA LYS A 56 4.90 -2.75 -10.92
C LYS A 56 5.00 -3.93 -9.96
N GLU A 57 4.45 -3.80 -8.73
CA GLU A 57 4.46 -4.89 -7.76
C GLU A 57 3.32 -5.88 -8.04
N LEU A 58 2.13 -5.36 -8.34
CA LEU A 58 0.92 -6.17 -8.57
C LEU A 58 0.79 -6.64 -10.02
N ASN A 59 1.29 -7.83 -10.30
CA ASN A 59 1.16 -8.44 -11.61
C ASN A 59 0.15 -9.58 -11.47
N HIS A 60 -0.98 -9.44 -12.13
CA HIS A 60 -2.01 -10.46 -12.03
C HIS A 60 -2.92 -10.38 -13.23
N PRO A 61 -3.44 -11.49 -13.72
CA PRO A 61 -4.32 -11.43 -14.90
C PRO A 61 -5.53 -10.52 -14.74
N ASN A 62 -6.00 -10.26 -13.51
CA ASN A 62 -7.17 -9.41 -13.33
C ASN A 62 -6.83 -8.03 -12.81
N ILE A 63 -5.61 -7.58 -13.09
CA ILE A 63 -5.16 -6.24 -12.69
C ILE A 63 -4.58 -5.60 -13.93
N VAL A 64 -5.10 -4.43 -14.30
CA VAL A 64 -4.62 -3.72 -15.49
C VAL A 64 -3.11 -3.63 -15.45
N LYS A 65 -2.47 -3.80 -16.59
CA LYS A 65 -1.02 -3.77 -16.65
C LYS A 65 -0.51 -2.38 -17.01
N LEU A 66 0.59 -1.99 -16.35
CA LEU A 66 1.30 -0.76 -16.63
C LEU A 66 2.46 -1.27 -17.47
N LEU A 67 2.43 -0.95 -18.76
CA LEU A 67 3.44 -1.43 -19.68
C LEU A 67 4.72 -0.60 -19.66
N ASP A 68 4.63 0.70 -19.43
CA ASP A 68 5.84 1.50 -19.51
C ASP A 68 5.63 2.86 -18.86
N VAL A 69 6.73 3.51 -18.48
CA VAL A 69 6.74 4.86 -17.93
C VAL A 69 7.77 5.62 -18.77
N ILE A 70 7.34 6.66 -19.49
CA ILE A 70 8.23 7.38 -20.41
C ILE A 70 8.32 8.86 -20.01
N HIS A 71 9.55 9.31 -19.77
CA HIS A 71 9.81 10.74 -19.43
C HIS A 71 10.39 11.41 -20.67
N THR A 72 9.57 12.20 -21.35
CA THR A 72 10.03 12.94 -22.56
C THR A 72 9.84 14.42 -22.31
N GLU A 73 10.86 15.20 -22.62
CA GLU A 73 10.74 16.66 -22.46
C GLU A 73 10.28 16.90 -21.03
N ASN A 74 9.11 17.51 -20.88
CA ASN A 74 8.61 17.85 -19.54
C ASN A 74 7.29 17.12 -19.36
N LYS A 75 7.22 15.92 -19.93
CA LYS A 75 5.98 15.12 -19.79
C LYS A 75 6.32 13.73 -19.26
N LEU A 76 5.48 13.20 -18.40
CA LEU A 76 5.64 11.79 -17.97
C LEU A 76 4.47 11.02 -18.55
N TYR A 77 4.78 10.00 -19.33
CA TYR A 77 3.72 9.19 -19.99
C TYR A 77 3.60 7.83 -19.31
N LEU A 78 2.40 7.52 -18.82
CA LEU A 78 2.16 6.20 -18.25
C LEU A 78 1.46 5.45 -19.38
N VAL A 79 2.09 4.36 -19.82
CA VAL A 79 1.58 3.53 -20.91
C VAL A 79 0.96 2.29 -20.27
N PHE A 80 -0.34 2.20 -20.40
CA PHE A 80 -1.18 1.13 -19.87
C PHE A 80 -1.70 0.29 -21.01
N GLU A 81 -1.99 -0.98 -20.73
CA GLU A 81 -2.64 -1.79 -21.76
C GLU A 81 -4.02 -1.19 -21.97
N PHE A 82 -4.54 -1.36 -23.19
CA PHE A 82 -5.86 -0.81 -23.54
C PHE A 82 -6.92 -1.91 -23.50
N LEU A 83 -8.06 -1.61 -22.87
CA LEU A 83 -9.21 -2.50 -22.81
C LEU A 83 -10.34 -1.64 -23.37
N HIS A 84 -11.09 -2.20 -24.33
CA HIS A 84 -12.06 -1.38 -25.06
C HIS A 84 -13.14 -0.71 -24.21
N GLN A 85 -13.52 -1.23 -23.04
CA GLN A 85 -14.52 -0.42 -22.33
C GLN A 85 -14.57 -0.79 -20.85
N ASP A 86 -15.18 0.11 -20.08
CA ASP A 86 -15.33 -0.12 -18.65
C ASP A 86 -16.66 -0.83 -18.40
N LEU A 87 -16.83 -1.33 -17.17
CA LEU A 87 -18.02 -2.10 -16.83
C LEU A 87 -19.26 -1.25 -16.81
N LYS A 88 -19.14 0.04 -16.54
CA LYS A 88 -20.33 0.86 -16.55
C LYS A 88 -20.89 0.95 -17.98
N LYS A 89 -20.01 1.15 -18.97
CA LYS A 89 -20.49 1.25 -20.34
C LYS A 89 -21.07 -0.08 -20.79
N PHE A 90 -20.46 -1.19 -20.38
CA PHE A 90 -20.96 -2.49 -20.78
C PHE A 90 -22.33 -2.75 -20.17
N MET A 91 -22.51 -2.41 -18.89
CA MET A 91 -23.81 -2.61 -18.24
C MET A 91 -24.87 -1.75 -18.90
N ASP A 92 -24.55 -0.49 -19.21
CA ASP A 92 -25.55 0.36 -19.86
C ASP A 92 -25.91 -0.19 -21.22
N ALA A 93 -24.91 -0.63 -21.98
CA ALA A 93 -25.17 -1.19 -23.30
C ALA A 93 -26.01 -2.47 -23.21
N SER A 94 -25.93 -3.18 -22.07
CA SER A 94 -26.68 -4.42 -21.87
C SER A 94 -27.95 -4.23 -21.07
N ALA A 95 -28.33 -2.98 -20.76
CA ALA A 95 -29.49 -2.74 -19.91
C ALA A 95 -30.81 -3.30 -20.49
N LEU A 96 -30.98 -3.28 -21.80
CA LEU A 96 -32.24 -3.78 -22.34
C LEU A 96 -32.28 -5.30 -22.35
N THR A 97 -31.19 -5.91 -22.81
CA THR A 97 -31.14 -7.36 -22.91
C THR A 97 -30.69 -8.02 -21.61
N GLY A 98 -29.90 -7.33 -20.79
CA GLY A 98 -29.43 -8.02 -19.61
C GLY A 98 -28.14 -8.77 -19.90
N ILE A 99 -27.33 -8.95 -18.87
CA ILE A 99 -26.06 -9.64 -19.03
C ILE A 99 -26.33 -11.10 -18.74
N PRO A 100 -25.90 -12.03 -19.59
CA PRO A 100 -26.13 -13.46 -19.30
C PRO A 100 -25.51 -13.82 -17.96
N LEU A 101 -26.27 -14.56 -17.14
CA LEU A 101 -25.77 -14.92 -15.81
C LEU A 101 -24.44 -15.66 -15.81
N PRO A 102 -24.08 -16.50 -16.80
CA PRO A 102 -22.76 -17.12 -16.70
C PRO A 102 -21.67 -16.08 -16.90
N LEU A 103 -21.96 -14.98 -17.63
CA LEU A 103 -20.97 -13.91 -17.78
C LEU A 103 -20.90 -13.09 -16.50
N ILE A 104 -22.03 -12.89 -15.82
CA ILE A 104 -22.00 -12.18 -14.54
C ILE A 104 -21.15 -12.97 -13.58
N LYS A 105 -21.35 -14.30 -13.56
CA LYS A 105 -20.60 -15.18 -12.69
C LYS A 105 -19.10 -15.13 -13.02
N SER A 106 -18.74 -15.19 -14.31
CA SER A 106 -17.32 -15.16 -14.67
C SER A 106 -16.67 -13.85 -14.25
N TYR A 107 -17.34 -12.73 -14.51
CA TYR A 107 -16.79 -11.42 -14.15
C TYR A 107 -16.59 -11.31 -12.63
N LEU A 108 -17.62 -11.68 -11.86
CA LEU A 108 -17.49 -11.57 -10.40
C LEU A 108 -16.36 -12.45 -9.89
N PHE A 109 -16.26 -13.66 -10.44
CA PHE A 109 -15.18 -14.55 -10.04
C PHE A 109 -13.81 -13.90 -10.32
N GLN A 110 -13.65 -13.30 -11.50
CA GLN A 110 -12.39 -12.66 -11.86
C GLN A 110 -12.13 -11.44 -10.99
N LEU A 111 -13.16 -10.65 -10.71
CA LEU A 111 -12.99 -9.48 -9.85
C LEU A 111 -12.52 -9.89 -8.48
N LEU A 112 -13.11 -10.96 -7.93
CA LEU A 112 -12.71 -11.42 -6.61
C LEU A 112 -11.29 -11.98 -6.63
N GLN A 113 -10.86 -12.59 -7.76
CA GLN A 113 -9.49 -13.09 -7.84
C GLN A 113 -8.49 -11.95 -7.82
N GLY A 114 -8.78 -10.87 -8.57
CA GLY A 114 -7.88 -9.73 -8.57
C GLY A 114 -7.88 -9.05 -7.22
N LEU A 115 -9.06 -8.99 -6.57
CA LEU A 115 -9.15 -8.35 -5.27
C LEU A 115 -8.41 -9.17 -4.23
N ALA A 116 -8.59 -10.51 -4.28
CA ALA A 116 -7.90 -11.40 -3.33
C ALA A 116 -6.40 -11.22 -3.44
N PHE A 117 -5.90 -11.04 -4.68
CA PHE A 117 -4.47 -10.79 -4.87
C PHE A 117 -4.06 -9.46 -4.24
N CYS A 118 -4.85 -8.37 -4.44
CA CYS A 118 -4.51 -7.09 -3.81
C CYS A 118 -4.49 -7.23 -2.29
N HIS A 119 -5.48 -7.93 -1.73
CA HIS A 119 -5.54 -8.07 -0.28
C HIS A 119 -4.37 -8.91 0.21
N SER A 120 -3.93 -9.88 -0.60
CA SER A 120 -2.76 -10.69 -0.23
C SER A 120 -1.52 -9.81 -0.14
N HIS A 121 -1.45 -8.76 -0.96
CA HIS A 121 -0.39 -7.77 -0.98
C HIS A 121 -0.57 -6.72 0.08
N ARG A 122 -1.60 -6.86 0.92
CA ARG A 122 -1.91 -5.89 1.98
C ARG A 122 -2.18 -4.52 1.37
N VAL A 123 -2.97 -4.51 0.29
CA VAL A 123 -3.39 -3.29 -0.39
C VAL A 123 -4.91 -3.21 -0.47
N LEU A 124 -5.47 -2.08 -0.07
CA LEU A 124 -6.90 -1.75 -0.16
C LEU A 124 -7.07 -0.95 -1.44
N HIS A 125 -8.05 -1.30 -2.27
CA HIS A 125 -8.26 -0.53 -3.50
C HIS A 125 -8.98 0.76 -3.18
N ARG A 126 -10.11 0.65 -2.46
CA ARG A 126 -10.94 1.77 -2.00
C ARG A 126 -11.72 2.52 -3.08
N ASP A 127 -11.67 2.14 -4.34
CA ASP A 127 -12.43 2.90 -5.34
C ASP A 127 -13.01 1.95 -6.39
N LEU A 128 -13.48 0.80 -5.95
CA LEU A 128 -14.03 -0.18 -6.89
C LEU A 128 -15.42 0.29 -7.26
N LYS A 129 -15.57 0.79 -8.48
CA LYS A 129 -16.85 1.22 -9.03
C LYS A 129 -16.82 0.74 -10.47
N PRO A 130 -17.99 0.59 -11.10
CA PRO A 130 -17.98 0.06 -12.47
C PRO A 130 -17.06 0.81 -13.41
N GLN A 131 -16.89 2.13 -13.25
CA GLN A 131 -16.01 2.87 -14.16
C GLN A 131 -14.54 2.48 -14.00
N ASN A 132 -14.15 1.85 -12.88
CA ASN A 132 -12.76 1.46 -12.67
C ASN A 132 -12.52 -0.01 -12.95
N LEU A 133 -13.46 -0.71 -13.58
CA LEU A 133 -13.34 -2.12 -13.91
C LEU A 133 -13.38 -2.19 -15.44
N LEU A 134 -12.32 -2.74 -16.05
CA LEU A 134 -12.19 -2.76 -17.50
C LEU A 134 -12.34 -4.14 -18.12
N ILE A 135 -13.04 -4.20 -19.24
CA ILE A 135 -13.24 -5.49 -19.89
C ILE A 135 -12.64 -5.46 -21.29
N ASN A 136 -12.28 -6.64 -21.77
CA ASN A 136 -11.79 -6.83 -23.13
C ASN A 136 -12.87 -7.60 -23.89
N THR A 137 -12.58 -7.96 -25.14
CA THR A 137 -13.54 -8.70 -25.94
C THR A 137 -13.31 -10.20 -25.89
N GLU A 138 -12.53 -10.66 -24.91
CA GLU A 138 -12.24 -12.08 -24.75
C GLU A 138 -12.83 -12.64 -23.46
N GLY A 139 -13.72 -11.91 -22.79
CA GLY A 139 -14.32 -12.41 -21.56
C GLY A 139 -13.57 -12.10 -20.27
N ALA A 140 -12.49 -11.32 -20.33
CA ALA A 140 -11.74 -10.96 -19.14
C ALA A 140 -12.21 -9.63 -18.56
N ILE A 141 -11.95 -9.44 -17.27
CA ILE A 141 -12.26 -8.19 -16.59
C ILE A 141 -11.08 -7.90 -15.65
N LYS A 142 -10.73 -6.63 -15.51
CA LYS A 142 -9.58 -6.28 -14.69
C LYS A 142 -9.83 -5.07 -13.81
N LEU A 143 -9.23 -5.08 -12.62
CA LEU A 143 -9.33 -3.94 -11.72
C LEU A 143 -8.41 -2.84 -12.25
N ALA A 144 -8.86 -1.59 -12.18
CA ALA A 144 -8.02 -0.53 -12.70
C ALA A 144 -8.14 0.68 -11.77
N ASP A 145 -7.41 1.74 -12.11
CA ASP A 145 -7.47 2.99 -11.36
C ASP A 145 -7.09 2.83 -9.88
N PHE A 146 -5.82 2.54 -9.66
CA PHE A 146 -5.28 2.34 -8.32
C PHE A 146 -4.83 3.65 -7.63
N GLY A 147 -5.31 4.80 -8.10
CA GLY A 147 -4.89 6.06 -7.51
C GLY A 147 -5.24 6.22 -6.04
N LEU A 148 -6.35 5.63 -5.60
CA LEU A 148 -6.76 5.75 -4.21
C LEU A 148 -6.28 4.59 -3.35
N ALA A 149 -5.61 3.59 -3.94
CA ALA A 149 -5.13 2.42 -3.20
C ALA A 149 -4.15 2.78 -2.10
N ARG A 150 -4.21 2.04 -0.98
CA ARG A 150 -3.30 2.28 0.15
C ARG A 150 -2.92 0.95 0.79
N ALA A 151 -1.63 0.81 1.13
CA ALA A 151 -1.13 -0.41 1.78
C ALA A 151 -1.59 -0.36 3.23
N PHE A 152 -1.92 -1.53 3.80
CA PHE A 152 -2.41 -1.52 5.17
C PHE A 152 -1.49 -2.27 6.14
N GLY A 153 -0.16 -2.02 6.02
CA GLY A 153 0.77 -2.59 6.99
C GLY A 153 0.42 -2.08 8.37
N VAL A 154 -0.16 -0.88 8.41
CA VAL A 154 -0.71 -0.24 9.60
C VAL A 154 -2.08 0.25 9.20
N PRO A 155 -2.99 0.51 10.15
CA PRO A 155 -4.34 0.97 9.80
C PRO A 155 -4.39 2.16 8.82
N VAL A 156 -5.34 2.08 7.88
CA VAL A 156 -5.57 3.11 6.87
C VAL A 156 -6.75 3.94 7.39
N ARG A 157 -6.47 5.20 7.71
CA ARG A 157 -7.49 6.06 8.35
C ARG A 157 -8.42 6.73 7.35
N THR A 158 -9.62 7.08 7.82
CA THR A 158 -10.62 7.80 6.98
C THR A 158 -10.34 9.30 7.11
N TYR A 159 -10.52 10.05 6.03
CA TYR A 159 -10.22 11.51 6.05
C TYR A 159 -11.39 12.33 5.49
N VAL A 164 -14.10 7.73 -1.74
CA VAL A 164 -14.85 6.59 -2.38
C VAL A 164 -16.24 7.06 -2.83
N THR A 165 -16.56 6.86 -4.10
CA THR A 165 -17.87 7.31 -4.64
C THR A 165 -18.99 6.86 -3.69
N LEU A 166 -19.97 7.73 -3.48
CA LEU A 166 -21.04 7.46 -2.49
C LEU A 166 -21.77 6.15 -2.81
N TRP A 167 -22.18 5.96 -4.05
CA TRP A 167 -22.97 4.78 -4.36
C TRP A 167 -22.34 3.47 -3.95
N TYR A 168 -21.00 3.40 -3.89
CA TYR A 168 -20.31 2.16 -3.54
C TYR A 168 -19.62 2.24 -2.19
N ARG A 169 -19.98 3.21 -1.36
CA ARG A 169 -19.34 3.39 -0.05
C ARG A 169 -19.99 2.51 1.01
N ALA A 170 -19.15 1.79 1.76
CA ALA A 170 -19.63 0.88 2.81
C ALA A 170 -20.30 1.62 3.97
N PRO A 171 -21.30 1.00 4.63
CA PRO A 171 -21.99 1.69 5.71
C PRO A 171 -21.12 2.04 6.91
N GLU A 172 -20.05 1.29 7.19
CA GLU A 172 -19.21 1.63 8.33
C GLU A 172 -18.50 2.96 8.05
N ILE A 173 -18.21 3.22 6.78
CA ILE A 173 -17.59 4.50 6.43
C ILE A 173 -18.59 5.64 6.62
N LEU A 174 -19.82 5.45 6.12
CA LEU A 174 -20.87 6.46 6.28
C LEU A 174 -21.17 6.73 7.75
N LEU A 175 -21.03 5.72 8.59
CA LEU A 175 -21.36 5.90 9.99
C LEU A 175 -20.16 6.44 10.79
N GLY A 176 -19.06 6.76 10.14
CA GLY A 176 -17.95 7.39 10.84
C GLY A 176 -16.79 6.55 11.30
N CYS A 177 -16.65 5.32 10.85
CA CYS A 177 -15.50 4.52 11.27
C CYS A 177 -14.21 5.31 11.06
N LYS A 178 -13.26 5.15 11.99
CA LYS A 178 -11.99 5.86 11.90
C LYS A 178 -11.00 5.19 10.93
N TYR A 179 -11.25 3.94 10.52
CA TYR A 179 -10.35 3.23 9.61
C TYR A 179 -11.11 2.50 8.52
N TYR A 180 -10.38 2.27 7.41
CA TYR A 180 -10.84 1.44 6.31
C TYR A 180 -10.42 -0.01 6.63
N SER A 181 -10.99 -0.96 5.89
CA SER A 181 -10.60 -2.34 6.03
C SER A 181 -10.84 -2.99 4.68
N THR A 182 -10.34 -4.24 4.55
CA THR A 182 -10.58 -4.98 3.32
C THR A 182 -12.08 -5.13 3.06
N ALA A 183 -12.90 -5.06 4.11
CA ALA A 183 -14.32 -5.23 3.92
C ALA A 183 -14.94 -4.13 3.06
N VAL A 184 -14.33 -2.94 2.97
CA VAL A 184 -14.97 -1.90 2.16
C VAL A 184 -14.88 -2.29 0.70
N ASP A 185 -13.82 -2.99 0.30
CA ASP A 185 -13.68 -3.41 -1.10
C ASP A 185 -14.71 -4.48 -1.43
N ILE A 186 -14.92 -5.44 -0.49
CA ILE A 186 -15.94 -6.46 -0.69
C ILE A 186 -17.33 -5.82 -0.83
N TRP A 187 -17.62 -4.82 0.01
CA TRP A 187 -18.91 -4.13 -0.08
C TRP A 187 -19.12 -3.58 -1.50
N SER A 188 -18.09 -2.92 -2.06
CA SER A 188 -18.22 -2.34 -3.40
C SER A 188 -18.55 -3.40 -4.44
N LEU A 189 -17.84 -4.52 -4.38
CA LEU A 189 -18.09 -5.62 -5.33
C LEU A 189 -19.49 -6.17 -5.15
N GLY A 190 -19.97 -6.20 -3.90
CA GLY A 190 -21.32 -6.69 -3.68
C GLY A 190 -22.31 -5.78 -4.36
N CYS A 191 -22.09 -4.47 -4.28
CA CYS A 191 -22.97 -3.52 -4.94
C CYS A 191 -22.92 -3.71 -6.45
N ILE A 192 -21.72 -3.95 -6.98
CA ILE A 192 -21.52 -4.15 -8.41
C ILE A 192 -22.15 -5.47 -8.86
N PHE A 193 -22.08 -6.51 -8.03
CA PHE A 193 -22.70 -7.80 -8.34
C PHE A 193 -24.20 -7.58 -8.52
N ALA A 194 -24.83 -6.86 -7.58
CA ALA A 194 -26.26 -6.63 -7.70
C ALA A 194 -26.58 -5.77 -8.90
N GLU A 195 -25.72 -4.81 -9.20
CA GLU A 195 -25.94 -3.91 -10.34
C GLU A 195 -25.84 -4.67 -11.65
N MET A 196 -24.92 -5.63 -11.76
CA MET A 196 -24.85 -6.44 -12.98
C MET A 196 -26.14 -7.25 -13.16
N VAL A 197 -26.73 -7.71 -12.05
CA VAL A 197 -27.93 -8.55 -12.14
C VAL A 197 -29.18 -7.73 -12.45
N THR A 198 -29.35 -6.57 -11.82
CA THR A 198 -30.54 -5.78 -12.02
C THR A 198 -30.41 -4.67 -13.03
N ARG A 199 -29.20 -4.36 -13.50
CA ARG A 199 -29.04 -3.29 -14.49
C ARG A 199 -29.37 -1.91 -13.88
N ARG A 200 -29.25 -1.76 -12.55
CA ARG A 200 -29.58 -0.51 -11.88
C ARG A 200 -28.68 -0.45 -10.64
N ALA A 201 -28.12 0.73 -10.33
CA ALA A 201 -27.29 0.80 -9.13
C ALA A 201 -28.13 0.41 -7.91
N LEU A 202 -27.54 -0.39 -7.01
CA LEU A 202 -28.26 -0.88 -5.85
C LEU A 202 -28.59 0.19 -4.84
N PHE A 203 -27.66 1.11 -4.57
CA PHE A 203 -27.85 2.16 -3.57
C PHE A 203 -27.40 3.49 -4.16
N PRO A 204 -28.23 4.11 -5.04
CA PRO A 204 -27.83 5.39 -5.69
C PRO A 204 -28.18 6.63 -4.86
N GLY A 205 -27.52 6.79 -3.71
CA GLY A 205 -27.83 7.91 -2.85
C GLY A 205 -27.36 9.25 -3.41
N ASP A 206 -27.94 10.33 -2.91
CA ASP A 206 -27.51 11.64 -3.36
C ASP A 206 -26.90 12.47 -2.23
N SER A 207 -26.68 11.88 -1.06
CA SER A 207 -26.03 12.52 0.09
C SER A 207 -25.58 11.39 1.02
N GLU A 208 -24.75 11.72 2.01
CA GLU A 208 -24.34 10.66 2.92
C GLU A 208 -25.54 10.05 3.67
N ILE A 209 -26.44 10.90 4.16
CA ILE A 209 -27.60 10.37 4.89
C ILE A 209 -28.59 9.68 3.92
N ASP A 210 -28.72 10.15 2.68
CA ASP A 210 -29.62 9.48 1.75
C ASP A 210 -29.06 8.10 1.40
N GLN A 211 -27.74 8.04 1.22
CA GLN A 211 -27.05 6.78 0.94
C GLN A 211 -27.26 5.79 2.09
N LEU A 212 -27.12 6.26 3.33
CA LEU A 212 -27.34 5.37 4.47
C LEU A 212 -28.77 4.85 4.50
N PHE A 213 -29.75 5.76 4.34
CA PHE A 213 -31.14 5.36 4.44
C PHE A 213 -31.50 4.39 3.33
N ARG A 214 -30.91 4.58 2.16
CA ARG A 214 -31.17 3.67 1.06
C ARG A 214 -30.67 2.29 1.43
N ILE A 215 -29.47 2.20 1.97
CA ILE A 215 -28.98 0.91 2.42
C ILE A 215 -29.95 0.32 3.46
N PHE A 216 -30.32 1.14 4.45
CA PHE A 216 -31.21 0.68 5.52
C PHE A 216 -32.53 0.17 4.97
N ARG A 217 -33.07 0.84 3.95
CA ARG A 217 -34.37 0.43 3.41
C ARG A 217 -34.32 -0.92 2.74
N THR A 218 -33.15 -1.35 2.29
CA THR A 218 -32.98 -2.64 1.61
C THR A 218 -32.51 -3.75 2.55
N LEU A 219 -31.44 -3.52 3.31
CA LEU A 219 -30.90 -4.52 4.23
C LEU A 219 -31.50 -4.43 5.62
N GLY A 220 -32.34 -3.44 5.89
CA GLY A 220 -32.93 -3.26 7.22
C GLY A 220 -32.03 -2.38 8.07
N THR A 221 -32.67 -1.65 8.97
CA THR A 221 -31.89 -0.77 9.87
C THR A 221 -31.04 -1.60 10.83
N PRO A 222 -29.72 -1.39 10.89
CA PRO A 222 -28.87 -2.19 11.79
C PRO A 222 -29.16 -1.95 13.26
N ASP A 223 -28.78 -2.94 14.09
CA ASP A 223 -28.92 -2.91 15.55
C ASP A 223 -27.70 -3.64 16.10
N GLU A 224 -27.58 -3.66 17.44
CA GLU A 224 -26.40 -4.28 18.04
C GLU A 224 -26.33 -5.76 17.78
N VAL A 225 -27.48 -6.40 17.58
CA VAL A 225 -27.51 -7.84 17.33
C VAL A 225 -26.85 -8.15 16.00
N VAL A 226 -27.28 -7.48 14.93
CA VAL A 226 -26.66 -7.79 13.65
C VAL A 226 -25.33 -7.07 13.43
N TRP A 227 -25.03 -6.00 14.17
CA TRP A 227 -23.77 -5.30 13.97
C TRP A 227 -23.33 -4.75 15.31
N PRO A 228 -22.57 -5.54 16.09
CA PRO A 228 -22.16 -5.06 17.42
C PRO A 228 -21.32 -3.78 17.32
N GLY A 229 -21.70 -2.77 18.11
CA GLY A 229 -21.05 -1.48 18.10
C GLY A 229 -21.72 -0.39 17.26
N VAL A 230 -22.73 -0.72 16.43
CA VAL A 230 -23.38 0.30 15.58
C VAL A 230 -23.81 1.52 16.37
N THR A 231 -24.59 1.28 17.42
CA THR A 231 -25.17 2.34 18.24
C THR A 231 -24.12 3.24 18.88
N SER A 232 -22.85 2.81 18.90
CA SER A 232 -21.75 3.59 19.49
C SER A 232 -20.93 4.30 18.44
N MET A 233 -21.28 4.18 17.17
CA MET A 233 -20.50 4.82 16.12
C MET A 233 -20.74 6.32 16.05
N PRO A 234 -19.73 7.07 15.60
CA PRO A 234 -19.83 8.55 15.56
C PRO A 234 -21.09 9.12 14.94
N ASP A 235 -21.45 8.73 13.74
CA ASP A 235 -22.61 9.31 13.09
C ASP A 235 -23.88 8.49 13.25
N TYR A 236 -23.93 7.57 14.21
CA TYR A 236 -25.15 6.80 14.43
C TYR A 236 -26.13 7.66 15.21
N LYS A 237 -27.39 7.60 14.83
CA LYS A 237 -28.43 8.38 15.50
C LYS A 237 -29.56 7.45 15.92
N PRO A 238 -29.96 7.48 17.19
CA PRO A 238 -31.06 6.60 17.63
C PRO A 238 -32.37 6.95 16.95
N SER A 239 -32.43 8.11 16.29
CA SER A 239 -33.63 8.53 15.57
C SER A 239 -33.74 7.90 14.18
N PHE A 240 -32.72 7.16 13.73
CA PHE A 240 -32.80 6.54 12.41
C PHE A 240 -34.10 5.78 12.28
N PRO A 241 -34.82 5.90 11.17
CA PRO A 241 -36.06 5.13 11.01
C PRO A 241 -35.78 3.63 11.02
N LYS A 242 -36.78 2.87 11.44
CA LYS A 242 -36.71 1.42 11.54
C LYS A 242 -37.32 0.80 10.29
N TRP A 243 -36.47 0.35 9.38
CA TRP A 243 -36.90 -0.32 8.16
C TRP A 243 -36.57 -1.80 8.28
N ALA A 244 -37.40 -2.62 7.65
CA ALA A 244 -37.24 -4.07 7.67
C ALA A 244 -36.41 -4.53 6.49
N ARG A 245 -35.61 -5.58 6.70
CA ARG A 245 -34.83 -6.10 5.60
C ARG A 245 -35.76 -6.68 4.53
N GLN A 246 -35.40 -6.48 3.27
CA GLN A 246 -36.21 -6.98 2.17
C GLN A 246 -35.71 -8.36 1.73
N ASP A 247 -36.64 -9.18 1.25
CA ASP A 247 -36.28 -10.51 0.78
C ASP A 247 -35.42 -10.35 -0.46
N PHE A 248 -34.27 -11.03 -0.51
CA PHE A 248 -33.41 -10.88 -1.69
C PHE A 248 -34.07 -11.40 -2.95
N SER A 249 -35.18 -12.14 -2.85
CA SER A 249 -35.87 -12.57 -4.06
C SER A 249 -36.49 -11.36 -4.76
N LYS A 250 -36.80 -10.30 -4.02
CA LYS A 250 -37.31 -9.09 -4.61
C LYS A 250 -36.18 -8.14 -4.98
N VAL A 251 -35.07 -8.15 -4.23
CA VAL A 251 -33.95 -7.25 -4.51
C VAL A 251 -33.21 -7.66 -5.78
N VAL A 252 -32.95 -8.96 -5.95
CA VAL A 252 -32.23 -9.53 -7.11
C VAL A 252 -32.99 -10.76 -7.59
N PRO A 253 -34.10 -10.57 -8.30
CA PRO A 253 -34.94 -11.71 -8.74
C PRO A 253 -34.21 -12.74 -9.60
N PRO A 254 -33.42 -12.35 -10.61
CA PRO A 254 -32.76 -13.36 -11.47
C PRO A 254 -31.78 -14.28 -10.75
N LEU A 255 -31.39 -13.98 -9.53
CA LEU A 255 -30.39 -14.76 -8.84
C LEU A 255 -30.98 -15.99 -8.15
N ASP A 256 -30.21 -17.09 -8.22
CA ASP A 256 -30.62 -18.32 -7.56
C ASP A 256 -30.23 -18.21 -6.08
N GLU A 257 -30.51 -19.28 -5.33
CA GLU A 257 -30.20 -19.30 -3.91
C GLU A 257 -28.71 -19.10 -3.65
N ASP A 258 -27.85 -19.73 -4.46
CA ASP A 258 -26.40 -19.58 -4.27
C ASP A 258 -25.95 -18.14 -4.52
N GLY A 259 -26.51 -17.48 -5.52
CA GLY A 259 -26.14 -16.10 -5.78
C GLY A 259 -26.63 -15.18 -4.67
N ARG A 260 -27.87 -15.40 -4.22
CA ARG A 260 -28.41 -14.56 -3.15
C ARG A 260 -27.58 -14.74 -1.89
N SER A 261 -27.16 -15.99 -1.62
CA SER A 261 -26.33 -16.26 -0.44
C SER A 261 -25.02 -15.49 -0.50
N LEU A 262 -24.31 -15.58 -1.63
CA LEU A 262 -23.04 -14.86 -1.73
C LEU A 262 -23.25 -13.36 -1.58
N LEU A 263 -24.25 -12.81 -2.27
CA LEU A 263 -24.52 -11.36 -2.20
C LEU A 263 -24.81 -10.94 -0.77
N SER A 264 -25.62 -11.72 -0.08
CA SER A 264 -25.93 -11.37 1.28
C SER A 264 -24.64 -11.37 2.13
N GLN A 265 -23.71 -12.31 1.89
CA GLN A 265 -22.49 -12.29 2.69
C GLN A 265 -21.55 -11.16 2.29
N MET A 266 -21.61 -10.70 1.04
CA MET A 266 -20.79 -9.59 0.63
C MET A 266 -21.34 -8.26 1.15
N LEU A 267 -22.63 -8.20 1.48
CA LEU A 267 -23.25 -6.99 2.03
C LEU A 267 -23.57 -7.11 3.51
N HIS A 268 -22.93 -8.03 4.22
CA HIS A 268 -23.16 -8.13 5.66
C HIS A 268 -22.81 -6.78 6.28
N TYR A 269 -23.64 -6.33 7.22
CA TYR A 269 -23.39 -5.03 7.86
C TYR A 269 -22.10 -5.03 8.64
N ASP A 270 -21.87 -6.07 9.43
CA ASP A 270 -20.70 -6.11 10.27
C ASP A 270 -19.41 -6.30 9.48
N PRO A 271 -18.53 -5.30 9.44
CA PRO A 271 -17.28 -5.48 8.69
C PRO A 271 -16.50 -6.70 9.14
N ASN A 272 -16.53 -7.00 10.44
CA ASN A 272 -15.79 -8.15 10.94
C ASN A 272 -16.34 -9.46 10.41
N LYS A 273 -17.60 -9.49 9.96
CA LYS A 273 -18.19 -10.74 9.48
C LYS A 273 -18.41 -10.78 7.97
N ARG A 274 -18.25 -9.65 7.28
CA ARG A 274 -18.42 -9.62 5.82
C ARG A 274 -17.43 -10.58 5.20
N ILE A 275 -17.90 -11.36 4.23
CA ILE A 275 -17.06 -12.38 3.60
C ILE A 275 -15.79 -11.79 3.02
N SER A 276 -14.70 -12.55 3.07
CA SER A 276 -13.44 -12.08 2.51
C SER A 276 -13.39 -12.44 1.04
N ALA A 277 -12.46 -11.82 0.31
CA ALA A 277 -12.34 -12.15 -1.10
C ALA A 277 -12.01 -13.63 -1.30
N LYS A 278 -11.06 -14.16 -0.52
CA LYS A 278 -10.71 -15.57 -0.68
C LYS A 278 -11.89 -16.46 -0.29
N ALA A 279 -12.64 -16.10 0.75
CA ALA A 279 -13.76 -16.97 1.10
C ALA A 279 -14.85 -16.92 0.03
N ALA A 280 -15.04 -15.74 -0.59
CA ALA A 280 -16.07 -15.63 -1.63
C ALA A 280 -15.76 -16.54 -2.81
N LEU A 281 -14.47 -16.66 -3.16
CA LEU A 281 -14.08 -17.53 -4.28
C LEU A 281 -14.43 -18.98 -3.99
N ALA A 282 -14.46 -19.37 -2.71
CA ALA A 282 -14.81 -20.73 -2.30
C ALA A 282 -16.31 -20.93 -2.13
N HIS A 283 -17.10 -19.88 -2.34
CA HIS A 283 -18.54 -19.99 -2.16
C HIS A 283 -19.16 -20.92 -3.21
N PRO A 284 -20.15 -21.74 -2.83
CA PRO A 284 -20.74 -22.67 -3.81
C PRO A 284 -21.27 -21.98 -5.06
N PHE A 285 -21.48 -20.66 -5.04
CA PHE A 285 -21.93 -19.99 -6.25
C PHE A 285 -20.95 -20.20 -7.39
N PHE A 286 -19.67 -20.39 -7.07
CA PHE A 286 -18.60 -20.60 -8.04
C PHE A 286 -18.14 -22.05 -8.17
N GLN A 287 -18.93 -23.03 -7.71
CA GLN A 287 -18.48 -24.41 -7.82
C GLN A 287 -18.35 -24.81 -9.28
N ASP A 288 -19.29 -24.38 -10.11
CA ASP A 288 -19.19 -24.72 -11.54
C ASP A 288 -17.91 -24.14 -12.16
N VAL A 289 -17.50 -22.93 -11.79
CA VAL A 289 -16.33 -22.30 -12.40
C VAL A 289 -14.98 -22.62 -11.74
N THR A 290 -14.94 -23.42 -10.67
CA THR A 290 -13.65 -23.70 -10.04
C THR A 290 -13.80 -24.95 -9.18
N LYS A 291 -12.66 -25.56 -8.83
CA LYS A 291 -12.68 -26.73 -7.94
C LYS A 291 -11.42 -26.63 -7.10
N PRO A 292 -11.49 -26.94 -5.80
CA PRO A 292 -10.31 -26.82 -4.92
C PRO A 292 -9.16 -27.78 -5.28
N VAL A 293 -8.01 -27.45 -4.70
CA VAL A 293 -6.73 -28.14 -4.83
C VAL A 293 -6.49 -28.97 -3.57
N PRO A 294 -5.78 -30.09 -3.64
CA PRO A 294 -5.51 -30.86 -2.42
C PRO A 294 -4.73 -29.99 -1.44
N HIS A 295 -5.08 -30.10 -0.15
CA HIS A 295 -4.44 -29.31 0.88
C HIS A 295 -3.36 -30.09 1.62
N LEU A 296 -2.23 -29.42 1.85
CA LEU A 296 -1.13 -30.01 2.58
C LEU A 296 -1.28 -29.60 4.04
N ARG A 297 -1.17 -30.58 4.95
CA ARG A 297 -1.32 -30.50 6.41
C ARG A 297 -2.79 -30.73 6.73
N ILE B 4 16.81 -18.49 -0.11
CA ILE B 4 17.02 -17.44 0.93
C ILE B 4 16.43 -17.93 2.25
N ALA B 5 17.29 -18.10 3.25
CA ALA B 5 16.81 -18.52 4.59
C ALA B 5 15.85 -19.70 4.43
N PRO B 6 16.35 -20.86 3.97
CA PRO B 6 15.51 -22.05 3.84
C PRO B 6 15.01 -22.52 5.20
N SER B 7 15.69 -22.10 6.28
CA SER B 7 15.34 -22.51 7.65
C SER B 7 14.30 -21.57 8.26
N ARG B 8 13.69 -20.68 7.47
CA ARG B 8 12.77 -19.70 8.03
C ARG B 8 11.32 -20.20 7.99
N GLY B 9 10.65 -20.17 9.14
CA GLY B 9 9.26 -20.60 9.23
C GLY B 9 8.31 -19.45 8.96
N SER B 10 7.01 -19.74 8.98
CA SER B 10 6.08 -18.64 8.77
C SER B 10 5.44 -18.31 10.08
N PRO B 11 5.69 -17.15 10.65
CA PRO B 11 5.09 -16.79 11.94
C PRO B 11 3.71 -16.14 11.85
N LEU B 12 3.15 -15.92 10.66
CA LEU B 12 1.87 -15.21 10.64
C LEU B 12 0.74 -16.06 11.21
N PRO B 13 -0.18 -15.45 11.97
CA PRO B 13 -1.32 -16.18 12.51
C PRO B 13 -2.32 -16.39 11.37
N VAL B 14 -3.42 -17.12 11.66
CA VAL B 14 -4.43 -17.29 10.61
C VAL B 14 -5.08 -15.93 10.35
N LEU B 15 -5.28 -15.60 9.06
CA LEU B 15 -5.86 -14.32 8.67
C LEU B 15 -7.23 -14.51 8.03
N SER B 16 -8.20 -13.71 8.47
CA SER B 16 -9.52 -13.84 7.87
C SER B 16 -9.60 -13.19 6.49
N TRP B 17 -8.84 -12.11 6.24
CA TRP B 17 -8.90 -11.34 5.01
C TRP B 17 -8.03 -11.82 3.88
N ALA B 18 -7.17 -12.82 4.09
CA ALA B 18 -6.30 -13.32 3.03
C ALA B 18 -5.69 -14.63 3.46
N ASN B 19 -5.04 -15.28 2.51
CA ASN B 19 -4.35 -16.55 2.73
C ASN B 19 -2.95 -16.23 3.29
N ARG B 20 -2.74 -16.53 4.58
CA ARG B 20 -1.44 -16.22 5.22
C ARG B 20 -0.24 -16.76 4.46
N GLU B 21 -0.37 -17.94 3.82
CA GLU B 21 0.77 -18.46 3.07
C GLU B 21 1.08 -17.54 1.90
N GLU B 22 0.06 -16.97 1.27
CA GLU B 22 0.28 -16.06 0.16
C GLU B 22 0.78 -14.70 0.67
N VAL B 23 0.23 -14.22 1.78
CA VAL B 23 0.72 -12.95 2.34
C VAL B 23 2.21 -13.08 2.68
N TRP B 24 2.57 -14.18 3.36
CA TRP B 24 3.96 -14.40 3.75
C TRP B 24 4.87 -14.49 2.54
N LYS B 25 4.48 -15.30 1.53
CA LYS B 25 5.30 -15.45 0.34
C LYS B 25 5.55 -14.10 -0.34
N ILE B 26 4.54 -13.24 -0.38
CA ILE B 26 4.75 -11.92 -0.96
C ILE B 26 5.79 -11.14 -0.15
N MET B 27 5.71 -11.23 1.18
CA MET B 27 6.70 -10.50 1.97
C MET B 27 8.10 -11.06 1.72
N LEU B 28 8.21 -12.39 1.64
CA LEU B 28 9.51 -13.02 1.41
C LEU B 28 10.08 -12.62 0.05
N ASN B 29 9.21 -12.54 -0.98
CA ASN B 29 9.71 -12.15 -2.31
C ASN B 29 10.30 -10.74 -2.36
N LYS B 30 9.98 -9.85 -1.41
CA LYS B 30 10.53 -8.49 -1.47
C LYS B 30 12.06 -8.50 -1.50
N GLU B 31 12.69 -9.38 -0.71
CA GLU B 31 14.16 -9.47 -0.70
C GLU B 31 14.74 -9.82 -2.05
N LYS B 32 13.95 -10.45 -2.92
CA LYS B 32 14.47 -10.84 -4.23
C LYS B 32 14.46 -9.65 -5.19
N THR B 33 13.57 -8.72 -4.98
CA THR B 33 13.53 -7.57 -5.86
C THR B 33 14.34 -6.39 -5.35
N TYR B 34 14.36 -6.21 -4.04
CA TYR B 34 15.00 -5.07 -3.40
C TYR B 34 16.33 -5.54 -2.83
N LEU B 35 17.40 -5.19 -3.52
CA LEU B 35 18.77 -5.59 -3.21
C LEU B 35 19.47 -4.57 -2.31
N ARG B 36 20.58 -5.02 -1.74
CA ARG B 36 21.39 -4.26 -0.82
C ARG B 36 22.82 -4.51 -1.24
N ASP B 37 23.67 -3.50 -1.11
CA ASP B 37 25.09 -3.68 -1.48
C ASP B 37 25.91 -2.91 -0.43
N GLN B 38 26.38 -3.62 0.61
CA GLN B 38 27.14 -2.99 1.68
C GLN B 38 28.44 -2.36 1.20
N HIS B 39 28.89 -2.70 0.00
CA HIS B 39 30.13 -2.12 -0.53
C HIS B 39 29.85 -1.09 -1.61
N PHE B 40 28.58 -0.68 -1.79
CA PHE B 40 28.32 0.27 -2.89
C PHE B 40 29.20 1.53 -2.81
N LEU B 41 29.70 1.91 -1.63
CA LEU B 41 30.50 3.14 -1.62
C LEU B 41 31.82 2.97 -2.38
N GLU B 42 32.29 1.73 -2.61
CA GLU B 42 33.51 1.53 -3.39
C GLU B 42 33.32 2.03 -4.81
N GLN B 43 32.07 2.20 -5.25
CA GLN B 43 31.79 2.76 -6.57
C GLN B 43 31.94 4.28 -6.56
N HIS B 44 32.13 4.88 -5.39
CA HIS B 44 32.25 6.33 -5.20
C HIS B 44 33.51 6.55 -4.36
N PRO B 45 34.70 6.43 -4.97
CA PRO B 45 35.98 6.57 -4.23
C PRO B 45 36.13 7.84 -3.39
N LEU B 46 35.49 8.92 -3.78
CA LEU B 46 35.62 10.17 -3.03
C LEU B 46 34.67 10.26 -1.85
N LEU B 47 33.90 9.21 -1.57
CA LEU B 47 33.00 9.23 -0.43
C LEU B 47 33.58 8.34 0.66
N GLN B 48 33.09 8.57 1.87
CA GLN B 48 33.48 7.81 3.04
C GLN B 48 32.22 7.39 3.76
N PRO B 49 32.19 6.17 4.34
CA PRO B 49 30.98 5.72 5.05
C PRO B 49 30.46 6.71 6.07
N LYS B 50 31.33 7.47 6.75
CA LYS B 50 30.80 8.43 7.71
C LYS B 50 29.91 9.48 7.03
N MET B 51 30.20 9.80 5.76
CA MET B 51 29.35 10.79 5.07
C MET B 51 27.92 10.28 4.98
N ARG B 52 27.75 8.97 4.81
CA ARG B 52 26.40 8.43 4.75
C ARG B 52 25.75 8.47 6.13
N ALA B 53 26.52 8.15 7.19
CA ALA B 53 25.95 8.24 8.54
C ALA B 53 25.49 9.67 8.82
N ILE B 54 26.31 10.66 8.47
CA ILE B 54 25.96 12.07 8.68
C ILE B 54 24.70 12.44 7.89
N LEU B 55 24.64 12.03 6.61
CA LEU B 55 23.46 12.35 5.80
C LEU B 55 22.19 11.71 6.37
N LEU B 56 22.23 10.43 6.73
CA LEU B 56 21.04 9.76 7.24
C LEU B 56 20.63 10.32 8.60
N ASP B 57 21.60 10.66 9.43
CA ASP B 57 21.26 11.27 10.73
C ASP B 57 20.54 12.60 10.51
N TRP B 58 21.02 13.42 9.57
CA TRP B 58 20.36 14.69 9.26
C TRP B 58 18.95 14.45 8.70
N LEU B 59 18.77 13.44 7.85
CA LEU B 59 17.42 13.15 7.36
C LEU B 59 16.51 12.77 8.53
N MET B 60 17.00 11.96 9.49
CA MET B 60 16.13 11.60 10.60
C MET B 60 15.69 12.85 11.35
N GLU B 61 16.62 13.78 11.58
CA GLU B 61 16.25 15.01 12.28
C GLU B 61 15.23 15.82 11.46
N VAL B 62 15.39 15.84 10.13
CA VAL B 62 14.40 16.52 9.31
C VAL B 62 13.04 15.86 9.52
N CYS B 63 13.01 14.53 9.56
CA CYS B 63 11.75 13.83 9.75
C CYS B 63 11.09 14.23 11.07
N GLU B 64 11.87 14.35 12.14
CA GLU B 64 11.26 14.69 13.43
C GLU B 64 10.61 16.07 13.36
N VAL B 65 11.34 17.05 12.84
CA VAL B 65 10.82 18.42 12.72
C VAL B 65 9.47 18.45 12.01
N TYR B 66 9.32 17.68 10.93
CA TYR B 66 8.04 17.69 10.23
C TYR B 66 7.15 16.56 10.67
N LYS B 67 7.53 15.87 11.73
CA LYS B 67 6.74 14.77 12.27
C LYS B 67 6.40 13.74 11.19
N LEU B 68 7.41 13.38 10.40
CA LEU B 68 7.15 12.38 9.38
C LEU B 68 7.25 11.00 10.00
N HIS B 69 6.66 10.02 9.31
CA HIS B 69 6.66 8.65 9.82
C HIS B 69 8.03 7.97 9.70
N ARG B 70 8.26 6.99 10.58
CA ARG B 70 9.48 6.19 10.48
C ARG B 70 9.54 5.51 9.12
N GLU B 71 8.39 5.06 8.60
CA GLU B 71 8.40 4.44 7.28
C GLU B 71 8.95 5.42 6.24
N THR B 72 8.62 6.70 6.37
CA THR B 72 9.10 7.67 5.40
C THR B 72 10.62 7.77 5.46
N PHE B 73 11.17 7.82 6.67
CA PHE B 73 12.61 7.87 6.80
C PHE B 73 13.26 6.60 6.22
N TYR B 74 12.71 5.42 6.54
CA TYR B 74 13.35 4.20 6.03
C TYR B 74 13.15 4.03 4.53
N LEU B 75 12.05 4.55 3.95
CA LEU B 75 11.93 4.53 2.49
C LEU B 75 13.05 5.36 1.89
N ALA B 76 13.29 6.54 2.47
CA ALA B 76 14.34 7.42 1.98
C ALA B 76 15.71 6.76 2.09
N GLN B 77 15.95 6.01 3.18
CA GLN B 77 17.23 5.32 3.37
C GLN B 77 17.40 4.26 2.29
N ASP B 78 16.38 3.44 2.07
CA ASP B 78 16.45 2.42 1.04
C ASP B 78 16.59 3.03 -0.36
N PHE B 79 15.83 4.11 -0.66
CA PHE B 79 15.98 4.74 -1.98
C PHE B 79 17.39 5.23 -2.16
N PHE B 80 17.92 5.93 -1.15
CA PHE B 80 19.29 6.44 -1.24
C PHE B 80 20.28 5.32 -1.48
N ASP B 81 20.25 4.27 -0.65
CA ASP B 81 21.20 3.17 -0.75
C ASP B 81 21.08 2.41 -2.09
N ARG B 82 19.85 2.13 -2.54
CA ARG B 82 19.72 1.42 -3.81
C ARG B 82 20.13 2.32 -4.97
N TYR B 83 19.84 3.62 -4.87
CA TYR B 83 20.19 4.52 -5.95
C TYR B 83 21.70 4.62 -6.08
N MET B 84 22.39 4.77 -4.96
CA MET B 84 23.83 4.91 -5.03
C MET B 84 24.47 3.65 -5.61
N ALA B 85 23.89 2.48 -5.34
CA ALA B 85 24.46 1.25 -5.89
C ALA B 85 24.38 1.25 -7.42
N THR B 86 23.43 1.98 -8.00
CA THR B 86 23.29 2.09 -9.44
C THR B 86 24.18 3.17 -10.03
N GLN B 87 24.81 3.99 -9.20
CA GLN B 87 25.63 5.10 -9.67
C GLN B 87 27.11 4.91 -9.37
N GLU B 88 27.92 5.80 -9.95
CA GLU B 88 29.37 5.80 -9.77
C GLU B 88 29.89 7.23 -9.63
N ASN B 89 31.00 7.37 -8.91
CA ASN B 89 31.77 8.63 -8.76
C ASN B 89 30.96 9.83 -8.24
N VAL B 90 30.06 9.61 -7.32
CA VAL B 90 29.32 10.73 -6.74
C VAL B 90 30.26 11.43 -5.75
N VAL B 91 30.13 12.73 -5.60
CA VAL B 91 30.99 13.45 -4.67
C VAL B 91 30.15 13.99 -3.51
N LYS B 92 30.85 14.31 -2.44
CA LYS B 92 30.23 14.78 -1.19
C LYS B 92 29.22 15.90 -1.42
N THR B 93 29.56 16.88 -2.25
CA THR B 93 28.66 18.03 -2.44
C THR B 93 27.30 17.71 -3.07
N LEU B 94 27.05 16.50 -3.54
CA LEU B 94 25.74 16.16 -4.14
C LEU B 94 24.90 15.27 -3.22
N LEU B 95 25.45 14.84 -2.10
CA LEU B 95 24.73 13.94 -1.22
C LEU B 95 23.50 14.57 -0.59
N GLN B 96 23.56 15.85 -0.23
CA GLN B 96 22.39 16.47 0.37
C GLN B 96 21.21 16.46 -0.60
N LEU B 97 21.46 16.71 -1.88
CA LEU B 97 20.37 16.73 -2.84
C LEU B 97 19.83 15.33 -3.06
N ILE B 98 20.71 14.36 -3.16
CA ILE B 98 20.23 13.00 -3.36
C ILE B 98 19.42 12.59 -2.14
N GLY B 99 19.89 12.94 -0.94
CA GLY B 99 19.17 12.54 0.27
C GLY B 99 17.82 13.19 0.42
N ILE B 100 17.77 14.52 0.27
CA ILE B 100 16.52 15.25 0.44
C ILE B 100 15.52 14.86 -0.63
N SER B 101 15.99 14.59 -1.86
CA SER B 101 15.07 14.16 -2.91
C SER B 101 14.49 12.78 -2.60
N SER B 102 15.33 11.87 -2.04
CA SER B 102 14.84 10.56 -1.65
C SER B 102 13.76 10.73 -0.58
N LEU B 103 13.97 11.68 0.35
CA LEU B 103 12.98 11.92 1.38
C LEU B 103 11.70 12.51 0.78
N PHE B 104 11.84 13.42 -0.21
CA PHE B 104 10.69 14.02 -0.86
C PHE B 104 9.85 12.94 -1.49
N ILE B 105 10.49 12.01 -2.24
CA ILE B 105 9.75 10.91 -2.86
C ILE B 105 9.07 10.08 -1.79
N ALA B 106 9.82 9.72 -0.73
CA ALA B 106 9.26 8.89 0.34
C ALA B 106 8.08 9.56 1.00
N ALA B 107 8.16 10.86 1.27
CA ALA B 107 7.03 11.52 1.94
C ALA B 107 5.82 11.56 1.02
N LYS B 108 6.05 11.75 -0.29
CA LYS B 108 4.90 11.76 -1.18
C LYS B 108 4.26 10.39 -1.21
N LEU B 109 5.05 9.32 -1.08
CA LEU B 109 4.44 8.01 -1.08
C LEU B 109 3.67 7.74 0.21
N GLU B 110 4.31 7.98 1.34
CA GLU B 110 3.83 7.53 2.63
C GLU B 110 2.90 8.45 3.41
N GLU B 111 3.13 9.75 3.46
CA GLU B 111 2.32 10.66 4.26
C GLU B 111 0.99 11.04 3.59
N ILE B 112 -0.03 11.26 4.41
CA ILE B 112 -1.30 11.68 3.81
C ILE B 112 -1.17 13.11 3.28
N TYR B 113 -0.62 14.01 4.11
CA TYR B 113 -0.40 15.42 3.76
C TYR B 113 1.10 15.69 3.88
N PRO B 114 1.89 15.33 2.86
CA PRO B 114 3.38 15.54 2.92
C PRO B 114 3.77 17.01 2.94
N PRO B 115 4.94 17.35 3.49
CA PRO B 115 5.35 18.76 3.44
C PRO B 115 5.48 19.13 1.97
N LYS B 116 5.37 20.43 1.67
CA LYS B 116 5.47 20.85 0.28
C LYS B 116 6.93 20.94 -0.16
N LEU B 117 7.13 20.86 -1.48
CA LEU B 117 8.47 20.95 -2.05
C LEU B 117 9.27 22.12 -1.48
N HIS B 118 8.67 23.31 -1.40
CA HIS B 118 9.42 24.46 -0.90
C HIS B 118 9.88 24.25 0.52
N GLN B 119 9.21 23.36 1.24
CA GLN B 119 9.61 23.04 2.61
C GLN B 119 10.86 22.16 2.59
N PHE B 120 10.95 21.25 1.61
CA PHE B 120 12.13 20.41 1.50
C PHE B 120 13.33 21.26 1.08
N ALA B 121 13.09 22.26 0.23
CA ALA B 121 14.19 23.16 -0.15
C ALA B 121 14.60 24.03 1.04
N TYR B 122 13.63 24.51 1.82
CA TYR B 122 13.89 25.34 2.99
C TYR B 122 14.89 24.71 3.97
N VAL B 123 14.65 23.46 4.41
CA VAL B 123 15.55 22.83 5.38
C VAL B 123 16.96 22.62 4.84
N THR B 124 17.19 22.83 3.54
CA THR B 124 18.55 22.68 3.07
C THR B 124 19.33 23.97 3.27
N ASP B 125 18.70 24.98 3.88
CA ASP B 125 19.34 26.25 4.20
C ASP B 125 20.01 26.88 2.97
N GLY B 126 19.24 26.98 1.89
CA GLY B 126 19.78 27.58 0.68
C GLY B 126 20.81 26.77 -0.08
N ALA B 127 20.96 25.49 0.23
CA ALA B 127 21.91 24.67 -0.50
C ALA B 127 21.27 23.89 -1.64
N CYS B 128 19.96 23.67 -1.60
CA CYS B 128 19.26 22.92 -2.63
C CYS B 128 18.03 23.70 -3.05
N SER B 129 17.84 23.87 -4.36
CA SER B 129 16.67 24.59 -4.81
C SER B 129 15.53 23.61 -5.08
N GLY B 130 14.32 24.13 -5.22
CA GLY B 130 13.19 23.25 -5.52
C GLY B 130 13.33 22.61 -6.88
N ASP B 131 13.85 23.36 -7.86
CA ASP B 131 14.01 22.82 -9.21
C ASP B 131 15.01 21.66 -9.26
N GLU B 132 16.09 21.74 -8.47
CA GLU B 132 17.03 20.63 -8.40
C GLU B 132 16.39 19.38 -7.79
N ILE B 133 15.60 19.57 -6.73
CA ILE B 133 14.92 18.45 -6.11
C ILE B 133 14.01 17.76 -7.12
N LEU B 134 13.28 18.56 -7.93
CA LEU B 134 12.41 18.02 -8.97
C LEU B 134 13.22 17.22 -9.98
N THR B 135 14.35 17.78 -10.43
CA THR B 135 15.21 17.05 -11.36
C THR B 135 15.70 15.73 -10.74
N MET B 136 16.24 15.80 -9.51
CA MET B 136 16.78 14.62 -8.84
C MET B 136 15.73 13.56 -8.54
N GLU B 137 14.50 13.94 -8.13
CA GLU B 137 13.53 12.90 -7.83
C GLU B 137 13.31 12.01 -9.07
N LEU B 138 13.33 12.62 -10.26
CA LEU B 138 13.14 11.86 -11.49
C LEU B 138 14.37 11.01 -11.78
N MET B 139 15.57 11.53 -11.56
CA MET B 139 16.76 10.71 -11.76
C MET B 139 16.70 9.47 -10.88
N ILE B 140 16.38 9.65 -9.61
CA ILE B 140 16.34 8.53 -8.68
C ILE B 140 15.25 7.56 -9.08
N MET B 141 14.04 8.06 -9.33
CA MET B 141 12.96 7.13 -9.61
C MET B 141 13.23 6.32 -10.86
N LYS B 142 13.78 6.94 -11.91
CA LYS B 142 14.07 6.19 -13.13
C LYS B 142 15.21 5.19 -12.91
N ALA B 143 16.24 5.58 -12.16
CA ALA B 143 17.36 4.67 -11.92
C ALA B 143 16.90 3.49 -11.09
N LEU B 144 15.89 3.69 -10.26
CA LEU B 144 15.34 2.60 -9.47
C LEU B 144 14.28 1.83 -10.25
N LYS B 145 14.04 2.21 -11.53
CA LYS B 145 13.06 1.54 -12.37
C LYS B 145 11.67 1.62 -11.77
N TRP B 146 11.42 2.72 -11.05
CA TRP B 146 10.15 2.96 -10.38
C TRP B 146 9.79 1.84 -9.40
N ARG B 147 10.78 1.12 -8.84
CA ARG B 147 10.50 0.08 -7.84
C ARG B 147 10.69 0.80 -6.50
N LEU B 148 9.58 1.31 -5.96
CA LEU B 148 9.59 2.14 -4.77
C LEU B 148 8.76 1.54 -3.63
N SER B 149 8.55 0.24 -3.60
CA SER B 149 7.76 -0.39 -2.55
C SER B 149 8.52 -1.48 -1.81
N PRO B 150 9.69 -1.17 -1.27
CA PRO B 150 10.42 -2.20 -0.53
C PRO B 150 9.74 -2.41 0.82
N LEU B 151 10.10 -3.49 1.46
CA LEU B 151 9.68 -3.80 2.82
C LEU B 151 10.88 -3.26 3.59
N THR B 152 10.70 -2.10 4.24
CA THR B 152 11.80 -1.46 4.95
C THR B 152 12.13 -2.17 6.27
N ILE B 153 13.26 -1.75 6.84
CA ILE B 153 13.68 -2.28 8.14
C ILE B 153 12.58 -2.03 9.17
N VAL B 154 12.03 -0.81 9.19
CA VAL B 154 11.05 -0.53 10.24
C VAL B 154 9.72 -1.20 9.96
N SER B 155 9.35 -1.39 8.67
CA SER B 155 8.09 -2.09 8.46
C SER B 155 8.20 -3.52 8.96
N TRP B 156 9.42 -4.12 8.91
CA TRP B 156 9.57 -5.48 9.44
C TRP B 156 9.34 -5.48 10.95
N LEU B 157 9.74 -4.40 11.63
CA LEU B 157 9.51 -4.32 13.06
C LEU B 157 8.01 -4.30 13.36
N ASN B 158 7.24 -3.62 12.51
CA ASN B 158 5.77 -3.57 12.72
C ASN B 158 5.18 -4.96 12.47
N VAL B 159 5.67 -5.65 11.45
CA VAL B 159 5.17 -7.02 11.21
C VAL B 159 5.42 -7.86 12.46
N TYR B 160 6.66 -7.84 12.96
CA TYR B 160 7.02 -8.67 14.10
C TYR B 160 6.20 -8.30 15.33
N MET B 161 6.14 -7.00 15.64
CA MET B 161 5.40 -6.60 16.83
C MET B 161 3.93 -6.92 16.68
N GLN B 162 3.40 -6.89 15.45
CA GLN B 162 1.99 -7.25 15.24
C GLN B 162 1.77 -8.74 15.43
N VAL B 163 2.72 -9.60 15.03
CA VAL B 163 2.57 -11.04 15.29
C VAL B 163 2.56 -11.29 16.80
N ALA B 164 3.45 -10.61 17.52
CA ALA B 164 3.49 -10.75 18.97
C ALA B 164 2.16 -10.34 19.59
N TYR B 165 1.61 -9.21 19.13
CA TYR B 165 0.34 -8.70 19.64
C TYR B 165 -0.83 -9.64 19.31
N LEU B 166 -0.92 -10.10 18.07
CA LEU B 166 -2.01 -11.01 17.67
C LEU B 166 -1.77 -12.48 18.07
N GLN B 176 6.82 -4.19 28.63
CA GLN B 176 5.77 -3.44 29.33
C GLN B 176 4.68 -2.97 28.32
N TYR B 177 4.73 -1.68 27.95
CA TYR B 177 3.77 -1.14 26.96
C TYR B 177 4.36 -1.37 25.57
N PRO B 178 3.64 -2.02 24.65
CA PRO B 178 4.21 -2.30 23.31
C PRO B 178 4.74 -1.07 22.58
N GLN B 179 4.06 0.08 22.70
CA GLN B 179 4.52 1.30 22.01
C GLN B 179 5.92 1.70 22.46
N GLN B 180 6.18 1.64 23.76
CA GLN B 180 7.50 2.03 24.26
C GLN B 180 8.56 1.03 23.83
N ILE B 181 8.22 -0.25 23.87
CA ILE B 181 9.15 -1.28 23.41
C ILE B 181 9.49 -1.02 21.95
N PHE B 182 8.45 -0.70 21.16
CA PHE B 182 8.64 -0.44 19.72
C PHE B 182 9.64 0.69 19.49
N ILE B 183 9.43 1.85 20.14
CA ILE B 183 10.36 2.96 19.89
C ILE B 183 11.78 2.64 20.39
N GLN B 184 11.90 1.79 21.40
CA GLN B 184 13.24 1.46 21.89
C GLN B 184 13.92 0.54 20.90
N ILE B 185 13.19 -0.42 20.33
CA ILE B 185 13.83 -1.24 19.30
C ILE B 185 14.12 -0.37 18.07
N ALA B 186 13.16 0.46 17.69
CA ALA B 186 13.39 1.31 16.52
C ALA B 186 14.65 2.16 16.69
N GLU B 187 14.89 2.64 17.91
CA GLU B 187 16.05 3.49 18.16
C GLU B 187 17.34 2.73 17.97
N LEU B 188 17.36 1.42 18.30
CA LEU B 188 18.56 0.64 18.02
C LEU B 188 18.74 0.48 16.51
N LEU B 189 17.64 0.24 15.79
CA LEU B 189 17.75 0.13 14.35
C LEU B 189 18.20 1.45 13.76
N ASP B 190 17.67 2.57 14.28
CA ASP B 190 18.11 3.88 13.77
C ASP B 190 19.62 4.05 13.91
N LEU B 191 20.21 3.51 14.99
CA LEU B 191 21.64 3.66 15.18
C LEU B 191 22.39 2.73 14.21
N CYS B 192 21.94 1.48 14.10
CA CYS B 192 22.59 0.53 13.21
C CYS B 192 22.55 0.97 11.75
N VAL B 193 21.42 1.51 11.29
CA VAL B 193 21.30 1.87 9.88
C VAL B 193 22.32 2.94 9.47
N LEU B 194 22.87 3.69 10.44
CA LEU B 194 23.87 4.69 10.09
C LEU B 194 25.18 4.06 9.64
N ASP B 195 25.44 2.80 9.97
CA ASP B 195 26.68 2.12 9.60
C ASP B 195 26.40 1.36 8.30
N VAL B 196 27.10 1.73 7.22
CA VAL B 196 26.84 1.05 5.96
C VAL B 196 27.02 -0.47 6.05
N ASP B 197 27.84 -0.97 7.00
CA ASP B 197 27.99 -2.44 7.10
C ASP B 197 26.68 -3.13 7.46
N CYS B 198 25.64 -2.40 7.91
CA CYS B 198 24.38 -3.06 8.22
C CYS B 198 23.78 -3.70 6.99
N LEU B 199 24.14 -3.20 5.82
CA LEU B 199 23.55 -3.69 4.58
C LEU B 199 23.99 -5.08 4.25
N GLU B 200 24.88 -5.66 5.04
CA GLU B 200 25.25 -7.04 4.81
C GLU B 200 24.08 -7.96 5.14
N PHE B 201 23.18 -7.51 6.00
CA PHE B 201 22.06 -8.28 6.49
C PHE B 201 20.75 -7.86 5.87
N PRO B 202 19.94 -8.88 5.58
CA PRO B 202 18.61 -8.62 5.05
C PRO B 202 17.88 -7.72 6.02
N TYR B 203 17.07 -6.80 5.47
CA TYR B 203 16.31 -5.90 6.33
C TYR B 203 15.55 -6.67 7.41
N GLY B 204 14.96 -7.82 7.03
CA GLY B 204 14.22 -8.62 8.02
C GLY B 204 15.11 -9.16 9.12
N ILE B 205 16.35 -9.52 8.77
CA ILE B 205 17.30 -10.04 9.76
C ILE B 205 17.70 -8.93 10.73
N LEU B 206 17.97 -7.73 10.18
CA LEU B 206 18.34 -6.62 11.02
C LEU B 206 17.25 -6.34 12.04
N ALA B 207 16.00 -6.30 11.59
CA ALA B 207 14.89 -6.03 12.51
C ALA B 207 14.75 -7.14 13.52
N ALA B 208 14.92 -8.39 13.10
CA ALA B 208 14.79 -9.48 14.06
C ALA B 208 15.92 -9.43 15.09
N SER B 209 17.11 -9.02 14.66
CA SER B 209 18.22 -9.00 15.62
C SER B 209 18.05 -7.88 16.64
N ALA B 210 17.53 -6.72 16.20
CA ALA B 210 17.28 -5.65 17.15
C ALA B 210 16.22 -6.10 18.15
N LEU B 211 15.16 -6.73 17.66
CA LEU B 211 14.12 -7.23 18.57
C LEU B 211 14.69 -8.26 19.54
N TYR B 212 15.61 -9.11 19.08
CA TYR B 212 16.22 -10.09 19.95
C TYR B 212 16.97 -9.41 21.09
N HIS B 213 17.68 -8.31 20.77
CA HIS B 213 18.43 -7.63 21.82
C HIS B 213 17.51 -7.02 22.88
N PHE B 214 16.23 -6.87 22.58
CA PHE B 214 15.32 -6.32 23.60
C PHE B 214 14.39 -7.42 24.12
N SER B 215 14.63 -8.67 23.73
CA SER B 215 13.70 -9.76 24.12
C SER B 215 14.46 -11.07 24.31
N SER B 216 14.15 -12.06 23.49
CA SER B 216 14.76 -13.39 23.61
C SER B 216 14.79 -14.07 22.25
N SER B 217 15.54 -15.15 22.15
CA SER B 217 15.57 -15.95 20.90
C SER B 217 14.19 -16.56 20.69
N GLU B 218 13.57 -17.02 21.78
CA GLU B 218 12.25 -17.64 21.62
C GLU B 218 11.25 -16.66 21.02
N LEU B 219 11.16 -15.44 21.57
CA LEU B 219 10.18 -14.51 21.01
C LEU B 219 10.58 -14.13 19.59
N MET B 220 11.89 -13.93 19.35
CA MET B 220 12.36 -13.54 18.04
C MET B 220 11.92 -14.57 17.00
N GLN B 221 12.14 -15.85 17.29
CA GLN B 221 11.75 -16.91 16.39
C GLN B 221 10.23 -16.96 16.19
N LYS B 222 9.47 -16.83 17.28
CA LYS B 222 8.02 -16.86 17.17
C LYS B 222 7.48 -15.74 16.29
N VAL B 223 8.00 -14.51 16.41
CA VAL B 223 7.44 -13.43 15.61
C VAL B 223 8.06 -13.27 14.23
N SER B 224 9.28 -13.75 14.00
CA SER B 224 9.93 -13.57 12.69
C SER B 224 10.09 -14.81 11.85
N GLY B 225 10.03 -15.99 12.45
CA GLY B 225 10.25 -17.24 11.77
C GLY B 225 11.71 -17.61 11.62
N TYR B 226 12.63 -16.67 11.88
CA TYR B 226 14.05 -16.98 11.79
C TYR B 226 14.50 -17.86 12.93
N GLN B 227 15.39 -18.77 12.61
CA GLN B 227 16.00 -19.62 13.59
C GLN B 227 17.19 -18.84 14.13
N TRP B 228 17.65 -19.22 15.33
CA TRP B 228 18.79 -18.54 15.91
C TRP B 228 19.98 -18.49 14.95
N CYS B 229 20.27 -19.61 14.28
CA CYS B 229 21.39 -19.69 13.34
C CYS B 229 21.29 -18.61 12.27
N ASP B 230 20.06 -18.26 11.88
CA ASP B 230 19.86 -17.24 10.84
C ASP B 230 20.34 -15.86 11.28
N ILE B 231 20.16 -15.49 12.56
CA ILE B 231 20.50 -14.12 13.00
C ILE B 231 21.79 -14.02 13.79
N GLU B 232 22.42 -15.13 14.16
CA GLU B 232 23.62 -15.12 14.98
C GLU B 232 24.66 -14.11 14.51
N ASN B 233 25.00 -14.11 13.22
CA ASN B 233 26.01 -13.18 12.71
C ASN B 233 25.56 -11.73 12.83
N CYS B 234 24.31 -11.45 12.48
CA CYS B 234 23.82 -10.09 12.64
C CYS B 234 23.88 -9.67 14.11
N VAL B 235 23.40 -10.55 15.01
CA VAL B 235 23.39 -10.31 16.45
C VAL B 235 24.78 -9.95 16.95
N LYS B 236 25.79 -10.72 16.51
CA LYS B 236 27.16 -10.46 16.93
C LYS B 236 27.63 -9.11 16.39
N TRP B 237 27.32 -8.80 15.13
CA TRP B 237 27.67 -7.49 14.57
C TRP B 237 26.96 -6.38 15.32
N MET B 238 25.70 -6.59 15.69
CA MET B 238 24.89 -5.57 16.35
C MET B 238 25.25 -5.33 17.83
N VAL B 239 25.92 -6.30 18.47
CA VAL B 239 26.29 -6.24 19.88
C VAL B 239 26.81 -4.87 20.34
N PRO B 240 27.87 -4.29 19.74
CA PRO B 240 28.34 -2.97 20.22
C PRO B 240 27.26 -1.88 20.15
N PHE B 241 26.41 -1.93 19.12
CA PHE B 241 25.36 -0.92 18.99
C PHE B 241 24.34 -1.09 20.11
N ALA B 242 23.93 -2.34 20.38
CA ALA B 242 22.96 -2.55 21.44
C ALA B 242 23.53 -2.17 22.80
N MET B 243 24.83 -2.43 23.00
CA MET B 243 25.44 -2.11 24.29
C MET B 243 25.47 -0.60 24.54
N VAL B 244 25.86 0.22 23.55
CA VAL B 244 25.86 1.66 23.79
C VAL B 244 24.45 2.18 24.04
N ILE B 245 23.43 1.61 23.39
CA ILE B 245 22.06 2.02 23.66
C ILE B 245 21.67 1.63 25.09
N ARG B 246 21.99 0.38 25.48
CA ARG B 246 21.66 -0.13 26.81
C ARG B 246 22.28 0.71 27.93
N GLU B 247 23.54 1.13 27.76
CA GLU B 247 24.20 1.94 28.79
C GLU B 247 23.53 3.30 29.01
N THR B 248 22.87 3.86 27.99
CA THR B 248 22.25 5.18 28.14
C THR B 248 20.86 5.16 28.74
N GLY B 249 20.16 4.01 28.66
CA GLY B 249 18.79 3.90 29.08
C GLY B 249 18.08 4.22 27.78
N SER B 250 16.99 3.55 27.46
CA SER B 250 16.38 3.90 26.18
C SER B 250 15.45 5.10 26.35
N SER B 251 15.21 5.79 25.23
CA SER B 251 14.34 6.97 25.24
C SER B 251 12.90 6.58 25.58
N LYS B 252 12.07 7.60 25.78
CA LYS B 252 10.68 7.42 26.12
C LYS B 252 9.77 7.81 24.96
N LEU B 253 8.62 7.15 24.87
CA LEU B 253 7.64 7.48 23.86
C LEU B 253 7.22 8.93 24.03
N LYS B 254 7.08 9.66 22.94
CA LYS B 254 6.68 11.04 23.07
C LYS B 254 5.32 11.28 22.42
N HIS B 255 4.70 12.41 22.77
CA HIS B 255 3.43 12.83 22.20
C HIS B 255 3.78 13.83 21.11
N PHE B 256 2.97 13.87 20.06
CA PHE B 256 3.21 14.79 18.96
C PHE B 256 1.91 15.51 18.65
N ARG B 257 1.93 16.84 18.71
CA ARG B 257 0.72 17.60 18.40
C ARG B 257 0.28 17.20 17.00
N GLY B 258 -1.03 16.99 16.84
CA GLY B 258 -1.60 16.59 15.58
C GLY B 258 -1.48 15.11 15.25
N VAL B 259 -0.86 14.30 16.11
CA VAL B 259 -0.72 12.88 15.86
C VAL B 259 -1.47 12.12 16.95
N ALA B 260 -2.31 11.19 16.53
CA ALA B 260 -3.09 10.38 17.47
C ALA B 260 -2.15 9.57 18.34
N ASP B 261 -2.50 9.45 19.62
CA ASP B 261 -1.67 8.68 20.54
C ASP B 261 -1.42 7.26 20.02
N GLU B 262 -2.43 6.61 19.43
CA GLU B 262 -2.20 5.24 18.96
C GLU B 262 -1.26 5.12 17.75
N ASP B 263 -0.81 6.25 17.17
CA ASP B 263 0.10 6.26 16.03
C ASP B 263 1.43 6.91 16.42
N ALA B 264 1.57 7.37 17.67
CA ALA B 264 2.75 8.10 18.11
C ALA B 264 4.04 7.32 17.99
N HIS B 265 4.01 6.00 18.17
CA HIS B 265 5.23 5.23 18.08
C HIS B 265 5.75 5.15 16.64
N ASN B 266 4.91 5.47 15.64
CA ASN B 266 5.32 5.43 14.25
C ASN B 266 5.92 6.74 13.73
N ILE B 267 6.10 7.75 14.62
CA ILE B 267 6.67 9.05 14.23
C ILE B 267 8.18 9.00 14.40
N GLN B 268 8.91 9.43 13.37
CA GLN B 268 10.37 9.38 13.45
C GLN B 268 10.89 10.39 14.45
N THR B 269 11.85 9.96 15.30
CA THR B 269 12.48 10.83 16.30
C THR B 269 13.97 10.95 15.98
N HIS B 270 14.67 11.82 16.71
CA HIS B 270 16.09 11.99 16.48
C HIS B 270 16.79 12.28 17.81
N ARG B 271 17.91 11.60 18.07
CA ARG B 271 18.76 11.75 19.25
C ARG B 271 20.20 11.91 18.72
N ASP B 272 21.16 12.08 19.64
CA ASP B 272 22.58 12.25 19.29
C ASP B 272 23.17 10.88 18.99
N SER B 273 22.84 10.39 17.79
CA SER B 273 23.28 9.06 17.38
C SER B 273 24.72 9.03 16.84
N LEU B 274 25.22 10.14 16.30
CA LEU B 274 26.57 10.11 15.74
C LEU B 274 27.62 9.85 16.82
N ASP B 275 27.44 10.42 18.02
CA ASP B 275 28.39 10.12 19.11
C ASP B 275 28.24 8.65 19.52
N LEU B 276 27.00 8.17 19.62
CA LEU B 276 26.80 6.77 19.96
C LEU B 276 27.46 5.88 18.94
N LEU B 277 27.37 6.28 17.67
CA LEU B 277 27.95 5.51 16.59
C LEU B 277 29.45 5.38 16.79
N ASP B 278 30.10 6.46 17.20
CA ASP B 278 31.54 6.41 17.44
C ASP B 278 31.87 5.43 18.55
N LYS B 279 31.17 5.53 19.70
CA LYS B 279 31.43 4.63 20.81
C LYS B 279 31.18 3.18 20.44
N ALA B 280 30.20 2.93 19.57
CA ALA B 280 29.94 1.54 19.19
C ALA B 280 31.07 1.00 18.31
N ARG B 281 31.41 1.73 17.25
CA ARG B 281 32.46 1.30 16.33
C ARG B 281 33.83 1.18 17.00
N ALA B 282 33.99 1.72 18.20
CA ALA B 282 35.26 1.65 18.93
C ALA B 282 35.48 0.27 19.60
#